data_4L2M
#
_entry.id   4L2M
#
_cell.length_a   50.622
_cell.length_b   40.951
_cell.length_c   66.461
_cell.angle_alpha   90.000
_cell.angle_beta   111.210
_cell.angle_gamma   90.000
#
_symmetry.space_group_name_H-M   'P 1 21 1'
#
loop_
_entity.id
_entity.type
_entity.pdbx_description
1 polymer Cyanoglobin
2 non-polymer 'HEME B/C'
3 non-polymer 'CYANIDE ION'
4 non-polymer 'SULFATE ION'
5 water water
#
_entity_poly.entity_id   1
_entity_poly.type   'polypeptide(L)'
_entity_poly.pdbx_seq_one_letter_code
;ASLYEKLGGAAAVDLAVEKFYGKVLADERVNRFFVNTDMAKQKQHQKDFMTYAFGGTDRFPGRSMRAAHQDLVENAGLTD
VHFDAIAENLVLTLQELNVSQDLIDEVVTIVGSVQHRNDVLNR
;
_entity_poly.pdbx_strand_id   A,B
#
loop_
_chem_comp.id
_chem_comp.type
_chem_comp.name
_chem_comp.formula
CYN non-polymer 'CYANIDE ION' 'C N -1'
HEB non-polymer 'HEME B/C' 'C34 H34 Fe N4 O4'
SO4 non-polymer 'SULFATE ION' 'O4 S -2'
#
# COMPACT_ATOMS: atom_id res chain seq x y z
N ALA A 1 -1.09 17.42 -1.95
CA ALA A 1 -0.38 16.20 -2.42
C ALA A 1 -0.51 15.07 -1.40
N SER A 2 0.38 14.07 -1.52
CA SER A 2 0.47 12.96 -0.56
C SER A 2 0.50 13.46 0.89
N LEU A 3 0.01 12.62 1.78
CA LEU A 3 0.11 12.87 3.22
C LEU A 3 1.59 12.98 3.64
N TYR A 4 2.39 12.08 3.12
CA TYR A 4 3.85 12.12 3.22
C TYR A 4 4.40 13.54 3.00
N GLU A 5 4.03 14.14 1.89
CA GLU A 5 4.47 15.50 1.58
C GLU A 5 3.96 16.53 2.61
N LYS A 6 2.67 16.48 2.94
CA LYS A 6 2.06 17.46 3.89
C LYS A 6 2.67 17.35 5.29
N LEU A 7 3.16 16.16 5.62
CA LEU A 7 3.93 15.94 6.86
C LEU A 7 5.32 16.59 6.79
N GLY A 8 5.78 16.85 5.57
CA GLY A 8 7.05 17.50 5.35
C GLY A 8 8.09 16.60 4.70
N GLY A 9 7.65 15.44 4.20
CA GLY A 9 8.53 14.60 3.38
C GLY A 9 9.55 13.78 4.17
N ALA A 10 10.66 13.45 3.50
CA ALA A 10 11.61 12.43 4.00
C ALA A 10 12.22 12.81 5.36
N ALA A 11 12.53 14.09 5.53
CA ALA A 11 13.25 14.55 6.70
C ALA A 11 12.33 14.64 7.92
N ALA A 12 11.05 14.93 7.69
CA ALA A 12 10.10 15.02 8.80
C ALA A 12 9.76 13.63 9.31
N VAL A 13 9.46 12.74 8.37
CA VAL A 13 9.25 11.34 8.68
C VAL A 13 10.41 10.76 9.43
N ASP A 14 11.63 11.02 8.96
CA ASP A 14 12.86 10.57 9.62
C ASP A 14 12.86 11.04 11.08
N LEU A 15 12.57 12.34 11.28
CA LEU A 15 12.57 12.92 12.59
C LEU A 15 11.55 12.20 13.46
N ALA A 16 10.32 12.07 12.95
CA ALA A 16 9.21 11.46 13.70
C ALA A 16 9.53 9.99 14.10
N VAL A 17 10.05 9.22 13.16
CA VAL A 17 10.48 7.83 13.49
C VAL A 17 11.57 7.82 14.57
N GLU A 18 12.44 8.80 14.58
CA GLU A 18 13.49 8.88 15.62
C GLU A 18 12.88 9.15 16.96
N LYS A 19 12.04 10.15 17.01
CA LYS A 19 11.37 10.52 18.22
C LYS A 19 10.50 9.36 18.67
N PHE A 20 9.88 8.71 17.71
CA PHE A 20 8.95 7.62 17.99
C PHE A 20 9.65 6.47 18.73
N TYR A 21 10.81 6.10 18.23
CA TYR A 21 11.55 5.01 18.81
C TYR A 21 12.25 5.36 20.11
N GLY A 22 12.55 6.64 20.29
CA GLY A 22 12.96 7.11 21.62
C GLY A 22 11.91 6.77 22.67
N LYS A 23 10.66 7.02 22.35
CA LYS A 23 9.57 6.75 23.27
C LYS A 23 9.37 5.26 23.47
N VAL A 24 9.46 4.51 22.38
CA VAL A 24 9.23 3.09 22.44
C VAL A 24 10.30 2.43 23.29
N LEU A 25 11.56 2.80 23.06
CA LEU A 25 12.67 2.24 23.81
C LEU A 25 12.62 2.61 25.29
N ALA A 26 11.91 3.71 25.59
CA ALA A 26 11.72 4.17 26.93
C ALA A 26 10.35 3.76 27.50
N ASP A 27 9.65 2.86 26.81
CA ASP A 27 8.31 2.40 27.24
C ASP A 27 8.39 0.95 27.71
N GLU A 28 8.40 0.75 29.03
CA GLU A 28 8.54 -0.60 29.64
C GLU A 28 7.49 -1.61 29.13
N ARG A 29 6.35 -1.12 28.70
CA ARG A 29 5.27 -1.98 28.27
C ARG A 29 5.62 -2.77 27.02
N VAL A 30 6.48 -2.21 26.17
CA VAL A 30 6.79 -2.82 24.88
C VAL A 30 8.27 -2.92 24.56
N ASN A 31 9.14 -2.23 25.32
CA ASN A 31 10.54 -2.09 24.88
C ASN A 31 11.33 -3.41 24.91
N ARG A 32 10.85 -4.39 25.66
CA ARG A 32 11.53 -5.72 25.69
C ARG A 32 11.55 -6.39 24.29
N PHE A 33 10.60 -6.04 23.42
CA PHE A 33 10.52 -6.63 22.08
C PHE A 33 11.67 -6.18 21.19
N PHE A 34 12.31 -5.07 21.53
CA PHE A 34 13.39 -4.56 20.70
C PHE A 34 14.75 -4.78 21.30
N VAL A 35 14.81 -5.63 22.32
CA VAL A 35 16.01 -5.73 23.14
C VAL A 35 17.17 -6.31 22.34
N ASN A 36 16.84 -7.11 21.31
CA ASN A 36 17.85 -7.72 20.43
C ASN A 36 17.83 -7.12 19.01
N THR A 37 17.05 -6.06 18.82
CA THR A 37 16.81 -5.51 17.49
C THR A 37 17.90 -4.50 17.14
N ASP A 38 18.40 -4.58 15.93
CA ASP A 38 19.28 -3.54 15.39
C ASP A 38 18.41 -2.35 15.06
N MET A 39 18.65 -1.23 15.73
CA MET A 39 17.63 -0.19 15.72
C MET A 39 17.80 0.77 14.55
N ALA A 40 19.03 0.96 14.08
CA ALA A 40 19.26 1.77 12.88
C ALA A 40 18.48 1.13 11.74
N LYS A 41 18.59 -0.19 11.62
CA LYS A 41 17.92 -0.92 10.56
C LYS A 41 16.40 -0.90 10.74
N GLN A 42 15.94 -1.00 11.97
CA GLN A 42 14.47 -0.93 12.23
C GLN A 42 13.94 0.46 11.86
N LYS A 43 14.72 1.49 12.14
CA LYS A 43 14.25 2.84 11.88
C LYS A 43 14.16 3.05 10.40
N GLN A 44 15.16 2.53 9.70
CA GLN A 44 15.18 2.53 8.24
C GLN A 44 13.95 1.81 7.66
N HIS A 45 13.67 0.60 8.16
CA HIS A 45 12.51 -0.17 7.68
C HIS A 45 11.21 0.56 8.02
N GLN A 46 11.14 1.10 9.23
CA GLN A 46 9.96 1.84 9.61
C GLN A 46 9.79 3.15 8.74
N LYS A 47 10.88 3.84 8.49
CA LYS A 47 10.84 4.99 7.57
C LYS A 47 10.42 4.59 6.11
N ASP A 48 10.97 3.47 5.61
CA ASP A 48 10.55 2.87 4.33
C ASP A 48 9.06 2.65 4.29
N PHE A 49 8.54 2.01 5.34
CA PHE A 49 7.15 1.58 5.37
C PHE A 49 6.21 2.76 5.42
N MET A 50 6.49 3.70 6.30
CA MET A 50 5.69 4.89 6.43
C MET A 50 5.78 5.79 5.19
N THR A 51 6.95 5.87 4.59
CA THR A 51 7.11 6.64 3.36
C THR A 51 6.14 6.10 2.30
N TYR A 52 5.97 4.78 2.26
CA TYR A 52 5.02 4.18 1.35
C TYR A 52 3.60 4.40 1.82
N ALA A 53 3.36 4.10 3.09
CA ALA A 53 2.00 4.14 3.65
C ALA A 53 1.35 5.52 3.49
N PHE A 54 2.15 6.57 3.63
CA PHE A 54 1.67 7.95 3.53
C PHE A 54 1.65 8.45 2.08
N GLY A 55 1.97 7.56 1.13
CA GLY A 55 1.79 7.82 -0.28
C GLY A 55 3.00 8.54 -0.86
N GLY A 56 4.18 8.18 -0.40
CA GLY A 56 5.41 8.84 -0.81
C GLY A 56 6.24 7.97 -1.74
N THR A 57 5.83 6.71 -1.89
CA THR A 57 6.51 5.81 -2.80
C THR A 57 5.48 4.87 -3.44
N ASP A 58 5.89 4.16 -4.48
CA ASP A 58 4.94 3.61 -5.43
C ASP A 58 4.76 2.08 -5.30
N ARG A 59 5.38 1.48 -4.29
CA ARG A 59 5.29 0.01 -4.06
C ARG A 59 5.55 -0.33 -2.59
N PHE A 60 4.88 -1.38 -2.10
CA PHE A 60 5.03 -1.83 -0.71
C PHE A 60 6.49 -2.30 -0.44
N PRO A 61 7.17 -1.70 0.54
CA PRO A 61 8.54 -2.13 0.81
C PRO A 61 8.62 -3.16 1.94
N GLY A 62 9.56 -4.08 1.82
CA GLY A 62 9.86 -5.02 2.90
C GLY A 62 8.77 -6.07 3.15
N ARG A 63 8.74 -6.59 4.38
CA ARG A 63 7.77 -7.60 4.80
C ARG A 63 6.37 -7.03 5.00
N SER A 64 5.36 -7.81 4.69
CA SER A 64 4.01 -7.55 5.19
C SER A 64 4.06 -7.44 6.70
N MET A 65 3.16 -6.62 7.24
CA MET A 65 3.03 -6.45 8.69
C MET A 65 2.79 -7.79 9.41
N ARG A 66 1.98 -8.64 8.78
CA ARG A 66 1.63 -9.93 9.33
C ARG A 66 2.86 -10.79 9.47
N ALA A 67 3.70 -10.78 8.44
CA ALA A 67 4.87 -11.63 8.39
C ALA A 67 5.98 -11.06 9.24
N ALA A 68 6.03 -9.74 9.36
CA ALA A 68 7.08 -9.07 10.13
C ALA A 68 6.94 -9.40 11.61
N HIS A 69 5.69 -9.63 12.02
CA HIS A 69 5.35 -9.74 13.45
C HIS A 69 4.89 -11.14 13.90
N GLN A 70 4.82 -12.09 12.96
CA GLN A 70 4.27 -13.44 13.25
C GLN A 70 5.05 -14.16 14.37
N ASP A 71 6.35 -13.97 14.35
CA ASP A 71 7.23 -14.56 15.37
C ASP A 71 6.93 -13.99 16.77
N LEU A 72 6.62 -12.70 16.85
CA LEU A 72 6.37 -12.09 18.17
C LEU A 72 5.03 -12.60 18.75
N VAL A 73 4.05 -12.77 17.88
CA VAL A 73 2.76 -13.37 18.24
C VAL A 73 2.94 -14.81 18.74
N GLU A 74 3.66 -15.60 17.96
CA GLU A 74 3.87 -17.00 18.27
C GLU A 74 4.75 -17.21 19.50
N ASN A 75 5.84 -16.45 19.62
CA ASN A 75 6.82 -16.64 20.68
C ASN A 75 6.73 -15.64 21.81
N ALA A 76 6.68 -14.36 21.47
CA ALA A 76 6.91 -13.31 22.47
C ALA A 76 5.62 -12.80 23.12
N GLY A 77 4.52 -13.48 22.88
CA GLY A 77 3.26 -13.17 23.57
C GLY A 77 2.63 -11.86 23.13
N LEU A 78 2.93 -11.42 21.91
CA LEU A 78 2.43 -10.11 21.41
C LEU A 78 0.91 -10.12 21.29
N THR A 79 0.28 -9.04 21.73
CA THR A 79 -1.16 -8.94 21.73
C THR A 79 -1.64 -7.45 21.92
N ASP A 80 -2.92 -7.27 22.16
CA ASP A 80 -3.56 -5.96 22.05
C ASP A 80 -2.83 -4.89 22.84
N VAL A 81 -2.47 -5.20 24.08
CA VAL A 81 -1.94 -4.22 24.98
C VAL A 81 -0.63 -3.64 24.42
N HIS A 82 0.15 -4.51 23.77
CA HIS A 82 1.34 -4.13 23.04
C HIS A 82 1.04 -3.28 21.79
N PHE A 83 0.07 -3.72 20.99
CA PHE A 83 -0.34 -2.92 19.83
C PHE A 83 -0.79 -1.50 20.27
N ASP A 84 -1.58 -1.44 21.34
CA ASP A 84 -2.17 -0.18 21.79
C ASP A 84 -1.08 0.78 22.21
N ALA A 85 -0.07 0.23 22.86
CA ALA A 85 1.07 1.01 23.34
C ALA A 85 1.87 1.59 22.19
N ILE A 86 2.06 0.79 21.15
CA ILE A 86 2.83 1.28 20.01
C ILE A 86 2.08 2.42 19.31
N ALA A 87 0.79 2.23 19.07
CA ALA A 87 -0.01 3.25 18.36
C ALA A 87 -0.11 4.53 19.18
N GLU A 88 -0.15 4.38 20.50
CA GLU A 88 -0.30 5.53 21.39
C GLU A 88 1.00 6.33 21.38
N ASN A 89 2.12 5.60 21.31
CA ASN A 89 3.43 6.22 21.18
C ASN A 89 3.59 7.00 19.92
N LEU A 90 3.01 6.50 18.84
CA LEU A 90 3.16 7.18 17.58
C LEU A 90 2.39 8.49 17.61
N VAL A 91 1.18 8.44 18.15
CA VAL A 91 0.35 9.59 18.21
C VAL A 91 0.98 10.65 19.13
N LEU A 92 1.55 10.21 20.25
CA LEU A 92 2.21 11.13 21.17
C LEU A 92 3.39 11.84 20.51
N THR A 93 4.18 11.08 19.76
CA THR A 93 5.22 11.66 18.89
C THR A 93 4.70 12.85 18.05
N LEU A 94 3.64 12.64 17.28
CA LEU A 94 3.19 13.67 16.36
C LEU A 94 2.51 14.83 17.09
N GLN A 95 1.86 14.53 18.19
CA GLN A 95 1.30 15.59 19.03
C GLN A 95 2.37 16.49 19.64
N GLU A 96 3.43 15.89 20.17
CA GLU A 96 4.50 16.67 20.78
C GLU A 96 5.20 17.52 19.75
N LEU A 97 5.34 16.99 18.53
CA LEU A 97 5.90 17.75 17.39
C LEU A 97 4.87 18.75 16.84
N ASN A 98 3.67 18.72 17.40
CA ASN A 98 2.61 19.68 17.08
C ASN A 98 2.19 19.61 15.61
N VAL A 99 2.16 18.40 15.05
CA VAL A 99 1.53 18.16 13.77
C VAL A 99 0.02 18.44 13.87
N SER A 100 -0.55 19.07 12.85
CA SER A 100 -1.95 19.43 12.88
C SER A 100 -2.83 18.18 13.06
N GLN A 101 -3.93 18.35 13.76
CA GLN A 101 -4.82 17.27 14.15
C GLN A 101 -5.44 16.58 12.95
N ASP A 102 -5.58 17.32 11.86
CA ASP A 102 -6.10 16.77 10.63
C ASP A 102 -5.18 15.67 10.16
N LEU A 103 -3.87 15.97 10.19
CA LEU A 103 -2.85 15.09 9.66
C LEU A 103 -2.60 13.88 10.57
N ILE A 104 -2.64 14.11 11.87
CA ILE A 104 -2.51 13.03 12.83
C ILE A 104 -3.67 12.03 12.70
N ASP A 105 -4.90 12.52 12.54
CA ASP A 105 -6.06 11.62 12.41
C ASP A 105 -5.92 10.74 11.20
N GLU A 106 -5.50 11.34 10.08
CA GLU A 106 -5.17 10.60 8.86
C GLU A 106 -4.13 9.51 9.06
N VAL A 107 -3.03 9.87 9.72
CA VAL A 107 -1.98 8.89 10.10
C VAL A 107 -2.61 7.74 10.91
N VAL A 108 -3.41 8.10 11.91
CA VAL A 108 -4.05 7.12 12.79
C VAL A 108 -5.03 6.20 12.02
N THR A 109 -5.61 6.70 10.94
CA THR A 109 -6.49 5.90 10.09
C THR A 109 -5.72 4.76 9.44
N ILE A 110 -4.41 4.94 9.30
CA ILE A 110 -3.54 3.90 8.74
C ILE A 110 -2.94 3.01 9.85
N VAL A 111 -2.36 3.64 10.85
CA VAL A 111 -1.52 2.93 11.82
C VAL A 111 -2.29 2.54 13.08
N GLY A 112 -3.51 3.03 13.22
CA GLY A 112 -4.33 2.75 14.41
C GLY A 112 -5.43 1.76 14.10
N SER A 113 -5.62 1.50 12.81
CA SER A 113 -6.79 0.78 12.33
C SER A 113 -6.83 -0.66 12.82
N VAL A 114 -8.02 -1.21 12.80
CA VAL A 114 -8.23 -2.60 13.09
C VAL A 114 -7.53 -3.45 12.01
N GLN A 115 -7.46 -2.92 10.80
CA GLN A 115 -6.78 -3.59 9.68
C GLN A 115 -5.32 -3.89 10.05
N HIS A 116 -4.67 -2.88 10.63
CA HIS A 116 -3.25 -2.93 10.91
C HIS A 116 -3.02 -3.82 12.10
N ARG A 117 -3.85 -3.61 13.12
CA ARG A 117 -3.89 -4.46 14.31
C ARG A 117 -3.97 -5.92 13.95
N ASN A 118 -4.86 -6.24 13.02
CA ASN A 118 -5.10 -7.64 12.67
C ASN A 118 -4.02 -8.24 11.82
N ASP A 119 -3.30 -7.40 11.09
CA ASP A 119 -2.09 -7.82 10.37
C ASP A 119 -1.00 -8.11 11.37
N VAL A 120 -0.74 -7.13 12.21
CA VAL A 120 0.36 -7.22 13.16
C VAL A 120 0.16 -8.42 14.08
N LEU A 121 -1.06 -8.56 14.60
CA LEU A 121 -1.38 -9.57 15.62
C LEU A 121 -1.85 -10.86 14.99
N ASN A 122 -1.81 -10.92 13.66
CA ASN A 122 -1.95 -12.17 12.92
C ASN A 122 -3.31 -12.82 13.19
N ARG A 123 -4.36 -12.01 13.09
CA ARG A 123 -5.73 -12.48 13.26
C ARG A 123 -6.54 -12.28 11.96
N ALA B 1 10.42 -16.93 -5.09
CA ALA B 1 9.35 -16.83 -6.14
C ALA B 1 8.45 -15.65 -5.84
N SER B 2 8.36 -14.74 -6.80
CA SER B 2 7.55 -13.55 -6.63
C SER B 2 6.07 -13.81 -6.92
N LEU B 3 5.23 -12.93 -6.40
CA LEU B 3 3.81 -12.92 -6.76
C LEU B 3 3.66 -13.02 -8.28
N TYR B 4 4.44 -12.21 -9.00
CA TYR B 4 4.50 -12.19 -10.45
C TYR B 4 4.72 -13.60 -11.00
N GLU B 5 5.68 -14.30 -10.41
CA GLU B 5 6.05 -15.63 -10.88
C GLU B 5 5.03 -16.67 -10.45
N LYS B 6 4.58 -16.59 -9.21
CA LYS B 6 3.45 -17.41 -8.72
C LYS B 6 2.21 -17.31 -9.63
N LEU B 7 1.91 -16.11 -10.10
CA LEU B 7 0.79 -15.91 -11.03
C LEU B 7 1.04 -16.57 -12.38
N GLY B 8 2.31 -16.84 -12.71
CA GLY B 8 2.65 -17.54 -13.96
C GLY B 8 3.67 -16.81 -14.82
N GLY B 9 4.02 -15.60 -14.41
CA GLY B 9 5.06 -14.84 -15.10
C GLY B 9 4.53 -14.09 -16.32
N ALA B 10 5.43 -13.74 -17.22
CA ALA B 10 5.13 -12.84 -18.33
C ALA B 10 3.80 -13.16 -19.01
N ALA B 11 3.69 -14.36 -19.56
CA ALA B 11 2.58 -14.67 -20.48
C ALA B 11 1.24 -14.84 -19.77
N ALA B 12 1.27 -15.17 -18.48
CA ALA B 12 0.03 -15.29 -17.65
C ALA B 12 -0.55 -13.90 -17.36
N VAL B 13 0.35 -12.96 -17.08
CA VAL B 13 -0.01 -11.57 -16.83
C VAL B 13 -0.53 -10.92 -18.11
N ASP B 14 0.06 -11.32 -19.23
CA ASP B 14 -0.34 -10.81 -20.53
C ASP B 14 -1.77 -11.25 -20.80
N LEU B 15 -2.02 -12.53 -20.59
CA LEU B 15 -3.37 -13.09 -20.79
C LEU B 15 -4.37 -12.38 -19.88
N ALA B 16 -3.99 -12.19 -18.64
CA ALA B 16 -4.87 -11.53 -17.64
C ALA B 16 -5.17 -10.08 -18.00
N VAL B 17 -4.15 -9.32 -18.41
CA VAL B 17 -4.36 -7.91 -18.82
C VAL B 17 -5.36 -7.85 -20.00
N GLU B 18 -5.18 -8.72 -20.98
CA GLU B 18 -6.07 -8.80 -22.15
C GLU B 18 -7.55 -9.08 -21.72
N LYS B 19 -7.73 -10.14 -20.95
CA LYS B 19 -9.03 -10.49 -20.40
C LYS B 19 -9.60 -9.32 -19.54
N PHE B 20 -8.73 -8.68 -18.78
CA PHE B 20 -9.15 -7.59 -17.87
C PHE B 20 -9.72 -6.43 -18.67
N TYR B 21 -9.04 -6.06 -19.76
CA TYR B 21 -9.51 -4.95 -20.59
C TYR B 21 -10.70 -5.32 -21.46
N GLY B 22 -10.78 -6.58 -21.88
CA GLY B 22 -12.06 -7.10 -22.38
C GLY B 22 -13.23 -6.71 -21.45
N LYS B 23 -13.09 -7.01 -20.17
CA LYS B 23 -14.12 -6.71 -19.19
C LYS B 23 -14.29 -5.20 -18.98
N VAL B 24 -13.18 -4.44 -19.02
CA VAL B 24 -13.26 -3.00 -18.78
C VAL B 24 -14.04 -2.32 -19.90
N LEU B 25 -13.75 -2.74 -21.13
CA LEU B 25 -14.36 -2.16 -22.32
C LEU B 25 -15.82 -2.56 -22.46
N ALA B 26 -16.25 -3.60 -21.73
CA ALA B 26 -17.64 -4.05 -21.71
C ALA B 26 -18.36 -3.64 -20.42
N ASP B 27 -17.74 -2.74 -19.67
CA ASP B 27 -18.31 -2.25 -18.41
C ASP B 27 -18.73 -0.80 -18.55
N GLU B 28 -20.03 -0.55 -18.63
CA GLU B 28 -20.54 0.80 -18.94
C GLU B 28 -20.11 1.82 -17.87
N ARG B 29 -19.72 1.35 -16.69
CA ARG B 29 -19.35 2.28 -15.60
C ARG B 29 -18.03 3.00 -15.87
N VAL B 30 -17.15 2.41 -16.67
CA VAL B 30 -15.81 2.96 -16.82
C VAL B 30 -15.29 3.00 -18.24
N ASN B 31 -15.94 2.27 -19.15
CA ASN B 31 -15.43 2.12 -20.50
C ASN B 31 -15.39 3.44 -21.27
N ARG B 32 -16.20 4.40 -20.84
CA ARG B 32 -16.17 5.73 -21.46
C ARG B 32 -14.80 6.44 -21.26
N PHE B 33 -14.05 6.04 -20.25
CA PHE B 33 -12.70 6.59 -20.05
C PHE B 33 -11.70 6.13 -21.10
N PHE B 34 -12.00 5.05 -21.78
CA PHE B 34 -11.06 4.43 -22.65
C PHE B 34 -11.45 4.62 -24.15
N VAL B 35 -12.43 5.49 -24.39
CA VAL B 35 -13.05 5.58 -25.73
C VAL B 35 -12.06 6.11 -26.74
N ASN B 36 -11.10 6.88 -26.27
CA ASN B 36 -10.10 7.48 -27.10
C ASN B 36 -8.68 6.96 -26.88
N THR B 37 -8.56 5.83 -26.18
CA THR B 37 -7.23 5.31 -25.78
C THR B 37 -6.70 4.22 -26.74
N ASP B 38 -5.39 4.27 -27.02
CA ASP B 38 -4.74 3.21 -27.79
C ASP B 38 -4.60 1.97 -26.91
N MET B 39 -5.57 1.06 -27.00
CA MET B 39 -5.68 -0.07 -26.04
C MET B 39 -4.47 -1.03 -26.16
N ALA B 40 -3.84 -1.06 -27.33
CA ALA B 40 -2.61 -1.84 -27.48
C ALA B 40 -1.53 -1.27 -26.57
N LYS B 41 -1.30 0.03 -26.65
CA LYS B 41 -0.29 0.63 -25.79
C LYS B 41 -0.73 0.56 -24.31
N GLN B 42 -2.02 0.79 -24.04
CA GLN B 42 -2.55 0.75 -22.65
C GLN B 42 -2.29 -0.62 -21.99
N LYS B 43 -2.67 -1.68 -22.71
CA LYS B 43 -2.40 -3.05 -22.22
C LYS B 43 -0.90 -3.25 -21.93
N GLN B 44 -0.04 -2.81 -22.86
CA GLN B 44 1.43 -2.87 -22.67
C GLN B 44 1.91 -2.13 -21.41
N HIS B 45 1.41 -0.91 -21.21
CA HIS B 45 1.74 -0.14 -19.99
C HIS B 45 1.34 -0.90 -18.73
N GLN B 46 0.13 -1.44 -18.76
CA GLN B 46 -0.45 -2.12 -17.62
C GLN B 46 0.33 -3.37 -17.29
N LYS B 47 0.80 -4.05 -18.33
CA LYS B 47 1.71 -5.19 -18.17
C LYS B 47 3.01 -4.77 -17.45
N ASP B 48 3.58 -3.64 -17.86
CA ASP B 48 4.79 -3.11 -17.18
C ASP B 48 4.50 -2.86 -15.71
N PHE B 49 3.41 -2.14 -15.43
CA PHE B 49 3.10 -1.78 -14.07
C PHE B 49 2.96 -3.00 -13.17
N MET B 50 2.26 -4.01 -13.67
CA MET B 50 1.97 -5.19 -12.90
C MET B 50 3.22 -6.03 -12.70
N THR B 51 4.12 -6.02 -13.68
CA THR B 51 5.41 -6.71 -13.53
C THR B 51 6.17 -6.13 -12.34
N TYR B 52 6.10 -4.80 -12.20
CA TYR B 52 6.73 -4.12 -11.09
C TYR B 52 5.93 -4.34 -9.80
N ALA B 53 4.66 -3.97 -9.83
CA ALA B 53 3.75 -4.13 -8.68
C ALA B 53 3.83 -5.51 -8.06
N PHE B 54 3.91 -6.55 -8.89
CA PHE B 54 3.87 -7.94 -8.42
C PHE B 54 5.29 -8.49 -8.15
N GLY B 55 6.29 -7.62 -8.27
CA GLY B 55 7.66 -7.95 -7.88
C GLY B 55 8.42 -8.71 -8.94
N GLY B 56 8.15 -8.40 -10.20
CA GLY B 56 8.83 -9.04 -11.32
C GLY B 56 10.05 -8.27 -11.80
N THR B 57 10.04 -6.95 -11.60
CA THR B 57 11.22 -6.09 -11.83
C THR B 57 11.25 -4.98 -10.77
N ASP B 58 12.36 -4.23 -10.73
CA ASP B 58 12.60 -3.23 -9.68
C ASP B 58 12.44 -1.77 -10.17
N ARG B 59 12.20 -1.61 -11.46
CA ARG B 59 11.89 -0.29 -12.04
C ARG B 59 10.65 -0.42 -12.92
N PHE B 60 10.03 0.71 -13.26
CA PHE B 60 9.14 0.74 -14.43
C PHE B 60 9.27 2.06 -15.19
N PRO B 61 9.26 1.99 -16.55
CA PRO B 61 9.43 3.18 -17.41
C PRO B 61 8.25 4.13 -17.36
N GLY B 62 7.12 3.67 -16.81
CA GLY B 62 5.86 4.36 -16.95
C GLY B 62 5.78 5.64 -16.15
N ARG B 63 4.71 6.39 -16.37
CA ARG B 63 4.34 7.49 -15.50
C ARG B 63 3.90 6.94 -14.16
N SER B 64 4.08 7.74 -13.12
CA SER B 64 3.41 7.52 -11.85
C SER B 64 1.91 7.35 -12.06
N MET B 65 1.27 6.63 -11.15
CA MET B 65 -0.17 6.46 -11.15
C MET B 65 -0.89 7.79 -10.90
N ARG B 66 -0.32 8.62 -10.05
CA ARG B 66 -0.90 9.94 -9.77
C ARG B 66 -0.87 10.77 -11.04
N ALA B 67 0.31 10.85 -11.66
CA ALA B 67 0.49 11.59 -12.91
C ALA B 67 -0.36 11.01 -14.04
N ALA B 68 -0.42 9.69 -14.09
CA ALA B 68 -1.09 8.99 -15.18
C ALA B 68 -2.60 9.26 -15.20
N HIS B 69 -3.16 9.61 -14.05
CA HIS B 69 -4.62 9.75 -13.95
C HIS B 69 -5.11 11.20 -13.61
N GLN B 70 -4.17 12.13 -13.51
CA GLN B 70 -4.49 13.54 -13.17
C GLN B 70 -5.53 14.21 -14.08
N ASP B 71 -5.21 14.29 -15.37
CA ASP B 71 -6.10 14.91 -16.36
C ASP B 71 -7.54 14.35 -16.23
N LEU B 72 -7.62 13.07 -15.87
CA LEU B 72 -8.91 12.37 -15.69
C LEU B 72 -9.63 12.79 -14.39
N VAL B 73 -8.88 12.96 -13.32
CA VAL B 73 -9.44 13.43 -12.06
C VAL B 73 -9.99 14.85 -12.25
N GLU B 74 -9.17 15.71 -12.84
CA GLU B 74 -9.53 17.12 -13.00
C GLU B 74 -10.57 17.32 -14.09
N ASN B 75 -10.53 16.52 -15.15
CA ASN B 75 -11.34 16.81 -16.33
C ASN B 75 -12.42 15.79 -16.65
N ALA B 76 -12.35 14.61 -16.06
CA ALA B 76 -13.20 13.50 -16.50
C ALA B 76 -14.10 12.92 -15.39
N GLY B 77 -14.19 13.62 -14.26
CA GLY B 77 -15.11 13.25 -13.17
C GLY B 77 -14.68 11.99 -12.41
N LEU B 78 -13.41 11.61 -12.57
CA LEU B 78 -12.91 10.30 -12.09
C LEU B 78 -12.86 10.23 -10.56
N THR B 79 -13.65 9.34 -9.98
CA THR B 79 -13.73 9.20 -8.52
C THR B 79 -13.91 7.72 -8.12
N ASP B 80 -14.55 7.50 -6.96
CA ASP B 80 -14.39 6.27 -6.20
C ASP B 80 -15.13 5.17 -6.85
N VAL B 81 -16.29 5.47 -7.40
CA VAL B 81 -17.10 4.48 -8.03
C VAL B 81 -16.32 3.85 -9.20
N HIS B 82 -15.55 4.66 -9.93
CA HIS B 82 -14.73 4.17 -11.07
C HIS B 82 -13.55 3.35 -10.60
N PHE B 83 -12.83 3.88 -9.60
CA PHE B 83 -11.77 3.12 -8.92
C PHE B 83 -12.24 1.72 -8.54
N ASP B 84 -13.39 1.61 -7.88
CA ASP B 84 -13.90 0.31 -7.43
C ASP B 84 -14.25 -0.64 -8.60
N ALA B 85 -14.77 -0.09 -9.68
CA ALA B 85 -15.18 -0.93 -10.84
C ALA B 85 -13.98 -1.56 -11.52
N ILE B 86 -12.88 -0.81 -11.54
CA ILE B 86 -11.64 -1.32 -12.08
C ILE B 86 -11.13 -2.46 -11.22
N ALA B 87 -11.01 -2.23 -9.91
CA ALA B 87 -10.50 -3.29 -9.00
C ALA B 87 -11.37 -4.52 -9.13
N GLU B 88 -12.66 -4.30 -9.19
CA GLU B 88 -13.65 -5.37 -9.24
C GLU B 88 -13.58 -6.19 -10.57
N ASN B 89 -13.19 -5.54 -11.65
CA ASN B 89 -13.02 -6.22 -12.91
C ASN B 89 -11.72 -7.03 -12.95
N LEU B 90 -10.69 -6.53 -12.28
CA LEU B 90 -9.49 -7.31 -12.14
C LEU B 90 -9.77 -8.60 -11.32
N VAL B 91 -10.60 -8.48 -10.29
CA VAL B 91 -10.90 -9.61 -9.45
C VAL B 91 -11.72 -10.64 -10.22
N LEU B 92 -12.69 -10.17 -11.00
CA LEU B 92 -13.49 -11.04 -11.87
C LEU B 92 -12.62 -11.82 -12.84
N THR B 93 -11.68 -11.12 -13.45
CA THR B 93 -10.76 -11.74 -14.40
C THR B 93 -10.04 -12.93 -13.77
N LEU B 94 -9.43 -12.70 -12.61
CA LEU B 94 -8.60 -13.70 -11.95
C LEU B 94 -9.43 -14.86 -11.40
N GLN B 95 -10.59 -14.57 -10.83
CA GLN B 95 -11.48 -15.63 -10.38
C GLN B 95 -11.87 -16.56 -11.54
N GLU B 96 -12.26 -15.97 -12.67
CA GLU B 96 -12.65 -16.74 -13.85
C GLU B 96 -11.53 -17.60 -14.37
N LEU B 97 -10.30 -17.10 -14.20
CA LEU B 97 -9.11 -17.86 -14.61
C LEU B 97 -8.74 -18.91 -13.54
N ASN B 98 -9.57 -19.02 -12.52
CA ASN B 98 -9.32 -19.91 -11.40
C ASN B 98 -7.93 -19.73 -10.78
N VAL B 99 -7.47 -18.50 -10.69
CA VAL B 99 -6.30 -18.21 -9.89
C VAL B 99 -6.66 -18.48 -8.43
N SER B 100 -5.71 -19.06 -7.68
CA SER B 100 -5.93 -19.36 -6.25
C SER B 100 -6.38 -18.11 -5.47
N GLN B 101 -7.17 -18.33 -4.44
CA GLN B 101 -7.78 -17.24 -3.70
C GLN B 101 -6.73 -16.41 -2.96
N ASP B 102 -5.67 -17.08 -2.50
CA ASP B 102 -4.60 -16.44 -1.73
C ASP B 102 -3.82 -15.48 -2.59
N LEU B 103 -3.54 -15.91 -3.82
CA LEU B 103 -2.95 -15.01 -4.83
C LEU B 103 -3.90 -13.86 -5.24
N ILE B 104 -5.18 -14.17 -5.46
CA ILE B 104 -6.15 -13.09 -5.75
C ILE B 104 -6.09 -12.05 -4.63
N ASP B 105 -5.98 -12.51 -3.38
CA ASP B 105 -5.92 -11.59 -2.21
C ASP B 105 -4.68 -10.69 -2.20
N GLU B 106 -3.51 -11.25 -2.48
CA GLU B 106 -2.31 -10.42 -2.66
C GLU B 106 -2.56 -9.33 -3.68
N VAL B 107 -3.12 -9.71 -4.85
CA VAL B 107 -3.39 -8.70 -5.93
C VAL B 107 -4.39 -7.62 -5.46
N VAL B 108 -5.46 -8.03 -4.79
CA VAL B 108 -6.44 -7.10 -4.24
C VAL B 108 -5.80 -6.09 -3.27
N THR B 109 -4.92 -6.57 -2.39
CA THR B 109 -4.19 -5.69 -1.46
C THR B 109 -3.53 -4.56 -2.25
N ILE B 110 -3.09 -4.88 -3.46
CA ILE B 110 -2.30 -3.97 -4.27
C ILE B 110 -3.23 -3.04 -5.06
N VAL B 111 -4.05 -3.61 -5.90
CA VAL B 111 -4.93 -2.80 -6.76
C VAL B 111 -6.06 -2.13 -5.99
N GLY B 112 -6.40 -2.65 -4.81
CA GLY B 112 -7.52 -2.13 -4.01
C GLY B 112 -7.10 -1.20 -2.88
N SER B 113 -5.81 -1.16 -2.58
CA SER B 113 -5.31 -0.37 -1.43
C SER B 113 -5.73 1.12 -1.45
N VAL B 114 -5.85 1.69 -0.25
CA VAL B 114 -6.03 3.12 -0.10
C VAL B 114 -4.84 3.92 -0.69
N GLN B 115 -3.68 3.28 -0.80
CA GLN B 115 -2.49 3.92 -1.40
C GLN B 115 -2.70 4.08 -2.91
N HIS B 116 -3.14 3.03 -3.55
CA HIS B 116 -3.37 3.08 -4.97
C HIS B 116 -4.54 3.99 -5.28
N ARG B 117 -5.53 4.01 -4.41
CA ARG B 117 -6.68 4.91 -4.57
C ARG B 117 -6.23 6.38 -4.55
N ASN B 118 -5.47 6.75 -3.53
CA ASN B 118 -4.98 8.13 -3.41
C ASN B 118 -4.10 8.55 -4.57
N ASP B 119 -3.27 7.62 -5.05
CA ASP B 119 -2.50 7.85 -6.28
C ASP B 119 -3.45 8.20 -7.43
N VAL B 120 -4.32 7.27 -7.76
CA VAL B 120 -5.11 7.35 -8.98
C VAL B 120 -6.06 8.55 -8.90
N LEU B 121 -6.70 8.72 -7.74
CA LEU B 121 -7.68 9.81 -7.55
C LEU B 121 -7.00 11.10 -7.02
N ASN B 122 -5.68 11.05 -6.85
CA ASN B 122 -4.89 12.25 -6.51
C ASN B 122 -5.43 12.96 -5.25
N ARG B 123 -5.30 12.30 -4.11
CA ARG B 123 -5.69 12.89 -2.85
C ARG B 123 -4.61 12.61 -1.82
FE HEB C . 6.59 -3.61 14.17
CHA HEB C . 9.23 -5.17 12.63
CHB HEB C . 6.08 -1.62 11.41
CHC HEB C . 3.40 -2.95 15.32
CHD HEB C . 7.63 -4.67 17.27
NA HEB C . 7.48 -3.44 12.32
C1A HEB C . 8.54 -4.15 11.83
C2A HEB C . 8.99 -3.70 10.52
C3A HEB C . 8.05 -2.63 10.18
C4A HEB C . 7.20 -2.53 11.35
CMA HEB C . 7.97 -1.79 8.93
CAA HEB C . 10.11 -4.27 9.67
CBA HEB C . 9.48 -4.92 8.43
CGA HEB C . 10.56 -5.55 7.57
O1A HEB C . 11.34 -6.36 8.09
O2A HEB C . 10.60 -5.27 6.35
NB HEB C . 5.01 -2.46 13.48
C1B HEB C . 4.98 -1.72 12.34
C2B HEB C . 3.74 -1.01 12.13
C3B HEB C . 2.91 -1.38 13.24
C4B HEB C . 3.77 -2.27 14.06
CMB HEB C . 3.38 -0.08 10.99
CAB HEB C . 1.49 -0.89 13.44
CBB HEB C . 1.63 0.32 14.36
NC HEB C . 5.67 -3.82 16.00
C1C HEB C . 4.38 -3.47 16.31
C2C HEB C . 3.99 -3.78 17.68
C3C HEB C . 5.24 -4.29 18.25
C4C HEB C . 6.24 -4.19 17.18
CMC HEB C . 2.64 -3.61 18.36
CAC HEB C . 5.41 -4.54 19.71
CBC HEB C . 6.53 -4.34 20.30
ND HEB C . 8.12 -4.79 14.81
C1D HEB C . 8.49 -5.02 16.12
C2D HEB C . 9.73 -5.81 16.26
C3D HEB C . 10.14 -6.01 14.88
C4D HEB C . 9.15 -5.28 14.09
CMD HEB C . 10.38 -6.36 17.51
CAD HEB C . 11.42 -6.69 14.44
CBD HEB C . 11.22 -8.07 13.86
CGD HEB C . 12.57 -8.55 13.29
O1D HEB C . 12.54 -9.43 12.41
O2D HEB C . 13.65 -8.03 13.70
C CYN D . 7.40 -2.06 14.84
N CYN D . 8.09 -0.99 15.19
S SO4 E . -4.53 21.68 15.04
O1 SO4 E . -4.01 22.93 14.43
O2 SO4 E . -4.91 20.76 13.95
O3 SO4 E . -3.47 21.07 15.87
O4 SO4 E . -5.71 21.98 15.90
FE HEB F . -5.41 3.64 -15.15
CHA HEB F . -3.54 5.03 -17.59
CHB HEB F . -2.83 1.52 -14.25
CHC HEB F . -6.99 3.14 -12.14
CHD HEB F . -8.38 4.75 -16.64
NA HEB F . -3.50 3.30 -15.82
C1A HEB F . -2.86 3.99 -16.80
C2A HEB F . -1.50 3.54 -17.09
C3A HEB F . -1.30 2.43 -16.10
C4A HEB F . -2.58 2.40 -15.37
CMA HEB F . -0.05 1.60 -15.87
CAA HEB F . -0.55 4.07 -18.13
CBA HEB F . 0.33 5.16 -17.53
CGA HEB F . 1.53 5.42 -18.44
O1A HEB F . 2.67 5.32 -17.97
O2A HEB F . 1.32 5.73 -19.63
NB HEB F . -4.96 2.53 -13.47
C1B HEB F . -3.90 1.72 -13.27
C2B HEB F . -3.92 1.04 -12.00
C3B HEB F . -5.11 1.52 -11.32
C4B HEB F . -5.71 2.42 -12.32
CMB HEB F . -2.92 0.07 -11.48
CAB HEB F . -5.51 1.12 -9.93
CBB HEB F . -5.99 -0.34 -10.04
NC HEB F . -7.37 3.90 -14.49
C1C HEB F . -7.83 3.68 -13.22
C2C HEB F . -9.28 3.96 -13.06
C3C HEB F . -9.66 4.46 -14.39
C4C HEB F . -8.46 4.34 -15.22
CMC HEB F . -10.06 3.79 -11.78
CAC HEB F . -11.00 4.73 -14.95
CBC HEB F . -12.05 4.09 -14.48
ND HEB F . -5.88 4.69 -16.85
C1D HEB F . -7.10 5.04 -17.34
C2D HEB F . -7.04 5.83 -18.58
C3D HEB F . -5.58 5.94 -18.85
C4D HEB F . -4.99 5.21 -17.72
CMD HEB F . -8.22 6.35 -19.38
CAD HEB F . -4.79 6.56 -19.97
CBD HEB F . -5.47 7.71 -20.68
CGD HEB F . -5.14 7.62 -22.14
O1D HEB F . -6.06 7.32 -22.97
O2D HEB F . -3.96 7.83 -22.50
C CYN G . -6.06 2.06 -15.95
N CYN G . -6.21 0.92 -16.59
S SO4 H . -8.83 -22.14 -3.51
O1 SO4 H . -8.75 -21.13 -4.58
O2 SO4 H . -7.95 -23.29 -3.85
O3 SO4 H . -8.40 -21.54 -2.23
O4 SO4 H . -10.22 -22.66 -3.37
S SO4 I . 3.82 12.00 -8.85
O1 SO4 I . 3.32 12.50 -10.17
O2 SO4 I . 3.92 10.52 -8.86
O3 SO4 I . 5.14 12.58 -8.57
O4 SO4 I . 2.85 12.39 -7.80
#